data_9JRL
#
_entry.id   9JRL
#
_cell.length_a   1.00
_cell.length_b   1.00
_cell.length_c   1.00
_cell.angle_alpha   90.00
_cell.angle_beta   90.00
_cell.angle_gamma   90.00
#
_symmetry.space_group_name_H-M   'P 1'
#
loop_
_entity.id
_entity.type
_entity.pdbx_description
1 polymer 'Soluble cytochrome b562,Reduced folate transporter,fusion protein'
2 non-polymer 'N-(4-CARBOXY-4-{4-[(2,4-DIAMINO-PTERIDIN-6-YLMETHYL)-AMINO]-BENZOYLAMINO}-BUTYL)-PHTHALAMIC ACID'
#
_entity_poly.entity_id   1
_entity_poly.type   'polypeptide(L)'
_entity_poly.pdbx_seq_one_letter_code
;MADLEDNWETLNDNLKVIEKADNAAQVKDALTKMRAAALDAQKATPPKLEDKSPDSPEMKDFRHGFDILVGQIDDALKLA
NEGKVKEAQAAAEQLKTTRNAYIQKYLSWRHLVCYLCFYGFMAQIRPGESFITPYLLGPDKQFTREQVTNEITPVLSYSY
LAVLVPVFLLTDYLRYTPVLLLQGLSFVSVWLLLLLGHSVAHMQLMELFYSVTMAARIAYSSYIFSLVRPARYQRVAGYS
RAAVLLGVFTSSVLGQLLVTVGRVSFSTLNYISLAFLTFSVVLALFLKRPKRSLFFNRDDRGRCETSASELERMNPGPGG
KLGHALRVACGDSVLARMLRELGDSLRRPQLRLWSLWWVFNSAGYYLVVYYVHILWNEVDPTTNSARVYNFAADAASTLL
GAITSFAAGFVKIRWARWSKLLIAGVTATQAGLVFLLAHTRHPSSIWLCYAAFVLFRGSYQFLVPIATFQIASSLSKELC
ALVFGVNTFFATIVKTIITFIVSDVRGLGLPVRKQFQLYSVYFLILSIIYFLGAMLDGLRHAEEEKRKAEEEKRKGSGSQ
VQLQESGGGLVQPGGSLRLSCAASGRTISRYAMSWFRQAPGKEREFVAVARRSGDGAFYADSVQGRFTVSRDDAKNTVYL
QMNSLKPEDTAVYYCAIDSDTFYSGSYDYWGQGTQVTVSSHHHHHHHHHH
;
_entity_poly.pdbx_strand_id   A
#
# COMPACT_ATOMS: atom_id res chain seq x y z
N SER A 108 -23.55 -18.53 3.35
CA SER A 108 -23.00 -17.38 2.64
C SER A 108 -23.04 -16.14 3.52
N TRP A 109 -23.57 -16.30 4.73
CA TRP A 109 -23.76 -15.15 5.61
C TRP A 109 -22.48 -14.82 6.38
N ARG A 110 -21.99 -15.75 7.18
CA ARG A 110 -20.82 -15.48 8.01
C ARG A 110 -19.53 -15.63 7.23
N HIS A 111 -19.31 -16.81 6.63
CA HIS A 111 -17.98 -17.18 6.18
C HIS A 111 -17.46 -16.21 5.12
N LEU A 112 -18.31 -15.78 4.18
CA LEU A 112 -17.82 -14.91 3.11
C LEU A 112 -17.04 -13.71 3.65
N VAL A 113 -17.74 -12.82 4.35
CA VAL A 113 -17.10 -11.58 4.80
C VAL A 113 -16.14 -11.85 5.96
N CYS A 114 -16.54 -12.69 6.93
CA CYS A 114 -15.68 -12.92 8.08
C CYS A 114 -14.37 -13.59 7.68
N TYR A 115 -14.46 -14.63 6.86
CA TYR A 115 -13.29 -15.33 6.35
C TYR A 115 -12.47 -14.45 5.41
N LEU A 116 -13.11 -13.56 4.65
CA LEU A 116 -12.36 -12.64 3.81
C LEU A 116 -11.51 -11.70 4.66
N CYS A 117 -12.12 -11.13 5.71
CA CYS A 117 -11.36 -10.27 6.62
C CYS A 117 -10.27 -11.06 7.34
N PHE A 118 -10.57 -12.29 7.74
CA PHE A 118 -9.58 -13.11 8.42
C PHE A 118 -8.40 -13.42 7.51
N TYR A 119 -8.67 -13.72 6.23
CA TYR A 119 -7.60 -13.96 5.28
C TYR A 119 -6.80 -12.69 5.03
N GLY A 120 -7.47 -11.54 4.94
CA GLY A 120 -6.75 -10.29 4.79
C GLY A 120 -5.83 -10.02 5.96
N PHE A 121 -6.28 -10.35 7.17
CA PHE A 121 -5.45 -10.17 8.36
C PHE A 121 -4.27 -11.14 8.36
N MET A 122 -4.53 -12.42 8.10
CA MET A 122 -3.48 -13.43 8.25
C MET A 122 -2.47 -13.39 7.11
N ALA A 123 -2.90 -13.09 5.88
CA ALA A 123 -1.97 -12.98 4.77
C ALA A 123 -0.98 -11.85 4.95
N GLN A 124 -1.29 -10.89 5.81
CA GLN A 124 -0.41 -9.76 6.08
C GLN A 124 0.55 -10.02 7.23
N ILE A 125 0.49 -11.20 7.85
CA ILE A 125 1.36 -11.51 8.99
C ILE A 125 2.65 -12.11 8.46
N ARG A 126 3.74 -11.33 8.53
CA ARG A 126 5.07 -11.79 8.16
C ARG A 126 6.04 -11.14 9.13
N PRO A 127 6.31 -11.79 10.26
CA PRO A 127 7.19 -11.15 11.27
C PRO A 127 8.58 -10.83 10.75
N GLY A 128 9.12 -11.63 9.84
CA GLY A 128 10.45 -11.43 9.34
C GLY A 128 10.59 -10.51 8.14
N GLU A 129 9.49 -9.91 7.67
CA GLU A 129 9.59 -9.03 6.51
C GLU A 129 10.20 -7.68 6.85
N SER A 130 10.17 -7.28 8.12
CA SER A 130 10.82 -6.04 8.54
C SER A 130 12.31 -6.23 8.82
N PHE A 131 12.79 -7.47 8.88
CA PHE A 131 14.17 -7.77 9.21
C PHE A 131 14.86 -8.53 8.08
N ILE A 132 14.39 -8.34 6.84
CA ILE A 132 15.02 -9.02 5.71
C ILE A 132 16.42 -8.46 5.46
N THR A 133 16.53 -7.13 5.45
CA THR A 133 17.83 -6.47 5.21
C THR A 133 18.85 -6.94 6.25
N PRO A 134 18.64 -6.82 7.58
CA PRO A 134 19.64 -7.31 8.54
C PRO A 134 19.96 -8.78 8.36
N TYR A 135 18.96 -9.60 8.06
CA TYR A 135 19.19 -11.03 7.89
C TYR A 135 20.16 -11.29 6.76
N LEU A 136 20.03 -10.55 5.66
CA LEU A 136 20.99 -10.67 4.56
C LEU A 136 22.38 -10.24 5.02
N LEU A 137 22.47 -9.21 5.85
CA LEU A 137 23.75 -8.71 6.31
C LEU A 137 24.24 -9.39 7.59
N GLY A 138 23.41 -10.25 8.20
CA GLY A 138 23.83 -10.97 9.37
C GLY A 138 24.72 -12.13 9.03
N PRO A 139 25.09 -12.90 10.06
CA PRO A 139 25.99 -14.05 9.88
C PRO A 139 25.27 -15.33 9.42
N ASP A 140 24.32 -15.16 8.51
CA ASP A 140 23.66 -16.30 7.88
C ASP A 140 23.88 -16.25 6.36
N LYS A 141 23.64 -15.08 5.77
CA LYS A 141 23.84 -14.89 4.34
C LYS A 141 25.20 -14.29 4.02
N GLN A 142 25.75 -13.47 4.92
CA GLN A 142 27.07 -12.88 4.77
C GLN A 142 27.16 -11.99 3.53
N PHE A 143 26.06 -11.39 3.12
CA PHE A 143 26.08 -10.46 2.00
C PHE A 143 26.67 -9.12 2.41
N THR A 144 27.42 -8.52 1.50
CA THR A 144 27.94 -7.18 1.73
C THR A 144 26.83 -6.15 1.59
N ARG A 145 27.05 -4.98 2.19
CA ARG A 145 26.04 -3.92 2.14
C ARG A 145 25.80 -3.45 0.72
N GLU A 146 26.89 -3.31 -0.05
CA GLU A 146 26.76 -2.86 -1.46
C GLU A 146 25.87 -3.87 -2.22
N GLN A 147 26.15 -5.16 -2.05
CA GLN A 147 25.40 -6.18 -2.78
C GLN A 147 23.90 -6.03 -2.55
N VAL A 148 23.49 -5.90 -1.28
CA VAL A 148 22.07 -5.78 -0.97
C VAL A 148 21.52 -4.47 -1.52
N THR A 149 22.27 -3.37 -1.38
CA THR A 149 21.73 -2.07 -1.75
C THR A 149 21.66 -1.88 -3.26
N ASN A 150 22.52 -2.56 -4.03
CA ASN A 150 22.58 -2.34 -5.47
C ASN A 150 21.94 -3.46 -6.28
N GLU A 151 22.26 -4.72 -5.97
CA GLU A 151 21.83 -5.83 -6.81
C GLU A 151 20.54 -6.49 -6.34
N ILE A 152 19.87 -5.94 -5.34
CA ILE A 152 18.74 -6.65 -4.75
C ILE A 152 17.47 -5.81 -4.72
N THR A 153 17.52 -4.61 -4.13
CA THR A 153 16.30 -3.81 -4.00
C THR A 153 15.90 -3.13 -5.32
N PRO A 154 16.85 -2.62 -6.11
CA PRO A 154 16.47 -2.18 -7.46
C PRO A 154 15.81 -3.28 -8.27
N VAL A 155 16.18 -4.53 -8.03
CA VAL A 155 15.48 -5.65 -8.64
C VAL A 155 14.02 -5.65 -8.22
N LEU A 156 13.76 -5.39 -6.94
CA LEU A 156 12.38 -5.31 -6.46
C LEU A 156 11.62 -4.23 -7.20
N SER A 157 12.20 -3.03 -7.30
CA SER A 157 11.48 -1.93 -7.94
C SER A 157 11.21 -2.21 -9.41
N TYR A 158 12.22 -2.66 -10.14
CA TYR A 158 12.06 -2.92 -11.57
C TYR A 158 11.06 -4.04 -11.81
N SER A 159 11.14 -5.12 -11.02
CA SER A 159 10.23 -6.23 -11.19
C SER A 159 8.80 -5.83 -10.82
N TYR A 160 8.63 -4.96 -9.82
CA TYR A 160 7.29 -4.48 -9.51
C TYR A 160 6.71 -3.71 -10.68
N LEU A 161 7.52 -2.81 -11.27
CA LEU A 161 7.03 -2.03 -12.40
C LEU A 161 6.69 -2.92 -13.59
N ALA A 162 7.49 -3.96 -13.83
CA ALA A 162 7.25 -4.83 -14.98
C ALA A 162 6.23 -5.92 -14.71
N VAL A 163 5.86 -6.15 -13.45
CA VAL A 163 4.92 -7.22 -13.10
C VAL A 163 3.53 -6.69 -12.80
N LEU A 164 3.39 -5.42 -12.43
CA LEU A 164 2.05 -4.86 -12.20
C LEU A 164 1.16 -5.02 -13.43
N VAL A 165 1.71 -4.82 -14.63
CA VAL A 165 0.93 -4.81 -15.86
C VAL A 165 0.28 -6.17 -16.12
N PRO A 166 1.03 -7.28 -16.21
CA PRO A 166 0.33 -8.57 -16.40
C PRO A 166 -0.61 -8.91 -15.27
N VAL A 167 -0.28 -8.49 -14.04
CA VAL A 167 -1.12 -8.83 -12.90
C VAL A 167 -2.51 -8.23 -13.05
N PHE A 168 -2.58 -6.92 -13.33
CA PHE A 168 -3.90 -6.32 -13.47
C PHE A 168 -4.55 -6.63 -14.81
N LEU A 169 -3.77 -7.05 -15.81
CA LEU A 169 -4.39 -7.48 -17.06
C LEU A 169 -5.02 -8.86 -16.93
N LEU A 170 -4.50 -9.70 -16.03
CA LEU A 170 -4.95 -11.08 -15.90
C LEU A 170 -5.90 -11.33 -14.73
N THR A 171 -5.75 -10.58 -13.63
CA THR A 171 -6.58 -10.82 -12.45
C THR A 171 -8.05 -10.58 -12.75
N ASP A 172 -8.34 -9.71 -13.72
CA ASP A 172 -9.72 -9.46 -14.10
C ASP A 172 -10.32 -10.67 -14.82
N TYR A 173 -9.51 -11.38 -15.59
CA TYR A 173 -10.00 -12.51 -16.38
C TYR A 173 -10.08 -13.78 -15.53
N LEU A 174 -8.97 -14.17 -14.91
CA LEU A 174 -8.87 -15.43 -14.16
C LEU A 174 -9.66 -15.42 -12.87
N ARG A 175 -10.39 -14.35 -12.58
CA ARG A 175 -10.98 -14.12 -11.26
C ARG A 175 -9.88 -13.97 -10.20
N TYR A 176 -10.23 -13.37 -9.07
CA TYR A 176 -9.21 -12.88 -8.15
C TYR A 176 -8.69 -13.95 -7.20
N THR A 177 -9.38 -15.09 -7.06
CA THR A 177 -8.88 -16.15 -6.20
C THR A 177 -7.57 -16.76 -6.70
N PRO A 178 -7.42 -17.09 -7.99
CA PRO A 178 -6.10 -17.57 -8.45
C PRO A 178 -4.98 -16.57 -8.20
N VAL A 179 -5.24 -15.27 -8.36
CA VAL A 179 -4.19 -14.29 -8.15
C VAL A 179 -3.86 -14.16 -6.67
N LEU A 180 -4.87 -14.26 -5.80
CA LEU A 180 -4.59 -14.26 -4.37
C LEU A 180 -3.77 -15.48 -3.96
N LEU A 181 -4.10 -16.64 -4.53
CA LEU A 181 -3.31 -17.83 -4.27
C LEU A 181 -1.89 -17.67 -4.79
N LEU A 182 -1.74 -17.02 -5.95
CA LEU A 182 -0.41 -16.75 -6.50
C LEU A 182 0.39 -15.81 -5.61
N GLN A 183 -0.28 -14.81 -5.05
CA GLN A 183 0.40 -13.91 -4.11
C GLN A 183 0.87 -14.67 -2.88
N GLY A 184 0.01 -15.52 -2.31
CA GLY A 184 0.42 -16.32 -1.17
C GLY A 184 1.57 -17.25 -1.48
N LEU A 185 1.49 -17.93 -2.62
CA LEU A 185 2.56 -18.84 -3.01
C LEU A 185 3.85 -18.10 -3.32
N SER A 186 3.76 -16.86 -3.82
CA SER A 186 4.96 -16.08 -4.07
C SER A 186 5.59 -15.60 -2.77
N PHE A 187 4.76 -15.34 -1.75
CA PHE A 187 5.34 -14.99 -0.42
C PHE A 187 6.03 -16.22 0.14
N VAL A 188 5.40 -17.40 0.01
CA VAL A 188 6.02 -18.63 0.48
C VAL A 188 7.33 -18.87 -0.24
N SER A 189 7.37 -18.60 -1.56
CA SER A 189 8.59 -18.76 -2.32
C SER A 189 9.65 -17.74 -1.90
N VAL A 190 9.23 -16.52 -1.57
CA VAL A 190 10.17 -15.52 -1.07
C VAL A 190 10.86 -16.01 0.19
N TRP A 191 10.06 -16.54 1.13
CA TRP A 191 10.68 -16.97 2.42
C TRP A 191 11.48 -18.27 2.20
N LEU A 192 11.05 -19.14 1.29
CA LEU A 192 11.83 -20.33 1.00
C LEU A 192 13.18 -19.96 0.41
N LEU A 193 13.22 -18.97 -0.47
CA LEU A 193 14.49 -18.49 -1.01
C LEU A 193 15.32 -17.81 0.07
N LEU A 194 14.66 -17.11 0.99
CA LEU A 194 15.38 -16.50 2.11
C LEU A 194 16.04 -17.57 2.98
N LEU A 195 15.33 -18.65 3.27
CA LEU A 195 15.84 -19.69 4.15
C LEU A 195 16.71 -20.71 3.43
N LEU A 196 16.68 -20.75 2.10
CA LEU A 196 17.44 -21.75 1.34
C LEU A 196 18.12 -21.10 0.14
N GLY A 197 18.65 -19.90 0.32
CA GLY A 197 19.32 -19.21 -0.75
C GLY A 197 20.65 -18.62 -0.32
N HIS A 198 21.73 -18.97 -1.02
CA HIS A 198 23.05 -18.49 -0.70
C HIS A 198 23.58 -17.48 -1.70
N SER A 199 23.31 -17.67 -2.99
CA SER A 199 23.84 -16.79 -4.01
C SER A 199 22.99 -15.53 -4.14
N VAL A 200 23.55 -14.52 -4.80
CA VAL A 200 22.83 -13.27 -5.02
C VAL A 200 21.69 -13.48 -6.01
N ALA A 201 21.84 -14.40 -6.96
CA ALA A 201 20.78 -14.66 -7.92
C ALA A 201 19.52 -15.17 -7.23
N HIS A 202 19.69 -16.02 -6.22
CA HIS A 202 18.54 -16.48 -5.45
C HIS A 202 17.82 -15.31 -4.79
N MET A 203 18.57 -14.35 -4.24
CA MET A 203 17.95 -13.20 -3.61
C MET A 203 17.26 -12.30 -4.62
N GLN A 204 17.83 -12.17 -5.82
CA GLN A 204 17.16 -11.42 -6.88
C GLN A 204 15.86 -12.08 -7.30
N LEU A 205 15.86 -13.42 -7.40
CA LEU A 205 14.61 -14.13 -7.68
C LEU A 205 13.61 -13.93 -6.55
N MET A 206 14.09 -13.91 -5.30
CA MET A 206 13.22 -13.61 -4.18
C MET A 206 12.61 -12.23 -4.32
N GLU A 207 13.39 -11.26 -4.80
CA GLU A 207 12.86 -9.92 -4.99
C GLU A 207 11.84 -9.86 -6.11
N LEU A 208 12.05 -10.63 -7.18
CA LEU A 208 11.02 -10.76 -8.20
C LEU A 208 9.72 -11.30 -7.61
N PHE A 209 9.83 -12.33 -6.78
CA PHE A 209 8.63 -12.90 -6.16
C PHE A 209 7.99 -11.92 -5.19
N TYR A 210 8.81 -11.13 -4.48
CA TYR A 210 8.27 -10.13 -3.57
C TYR A 210 7.53 -9.03 -4.34
N SER A 211 8.06 -8.62 -5.49
CA SER A 211 7.35 -7.67 -6.33
C SER A 211 6.04 -8.27 -6.84
N VAL A 212 6.05 -9.56 -7.18
CA VAL A 212 4.82 -10.23 -7.57
C VAL A 212 3.80 -10.20 -6.44
N THR A 213 4.24 -10.42 -5.21
CA THR A 213 3.34 -10.32 -4.07
C THR A 213 2.80 -8.90 -3.90
N MET A 214 3.67 -7.90 -4.06
CA MET A 214 3.26 -6.52 -3.90
C MET A 214 2.31 -6.06 -5.01
N ALA A 215 2.33 -6.72 -6.16
CA ALA A 215 1.48 -6.33 -7.27
C ALA A 215 0.07 -6.91 -7.18
N ALA A 216 -0.19 -7.81 -6.25
CA ALA A 216 -1.44 -8.56 -6.20
C ALA A 216 -2.39 -8.07 -5.10
N ARG A 217 -2.17 -6.87 -4.56
CA ARG A 217 -3.12 -6.32 -3.60
C ARG A 217 -4.43 -5.91 -4.26
N ILE A 218 -4.35 -5.45 -5.52
CA ILE A 218 -5.54 -5.12 -6.29
C ILE A 218 -6.46 -6.33 -6.41
N ALA A 219 -5.87 -7.54 -6.46
CA ALA A 219 -6.67 -8.74 -6.48
C ALA A 219 -7.51 -8.87 -5.21
N TYR A 220 -6.90 -8.61 -4.05
CA TYR A 220 -7.64 -8.68 -2.79
C TYR A 220 -8.75 -7.64 -2.75
N SER A 221 -8.45 -6.40 -3.16
CA SER A 221 -9.46 -5.35 -3.11
C SER A 221 -10.64 -5.69 -4.02
N SER A 222 -10.36 -5.99 -5.29
CA SER A 222 -11.44 -6.35 -6.21
C SER A 222 -12.15 -7.64 -5.80
N TYR A 223 -11.46 -8.52 -5.07
CA TYR A 223 -12.11 -9.76 -4.63
C TYR A 223 -13.11 -9.49 -3.51
N ILE A 224 -12.72 -8.67 -2.53
CA ILE A 224 -13.69 -8.31 -1.50
C ILE A 224 -14.83 -7.52 -2.11
N PHE A 225 -14.58 -6.84 -3.24
CA PHE A 225 -15.64 -6.05 -3.86
C PHE A 225 -16.58 -6.90 -4.70
N SER A 226 -16.07 -7.99 -5.28
CA SER A 226 -16.87 -8.81 -6.19
C SER A 226 -17.78 -9.79 -5.48
N LEU A 227 -17.60 -10.00 -4.17
CA LEU A 227 -18.38 -11.00 -3.44
C LEU A 227 -19.61 -10.44 -2.75
N VAL A 228 -19.77 -9.11 -2.81
CA VAL A 228 -20.88 -8.48 -2.03
C VAL A 228 -21.75 -7.60 -2.91
N ARG A 229 -23.01 -7.43 -2.53
CA ARG A 229 -23.93 -6.54 -3.21
C ARG A 229 -23.37 -5.11 -3.18
N PRO A 230 -23.61 -4.33 -4.23
CA PRO A 230 -23.07 -2.95 -4.25
C PRO A 230 -23.50 -2.12 -3.06
N ALA A 231 -24.70 -2.36 -2.52
CA ALA A 231 -25.14 -1.63 -1.33
C ALA A 231 -24.22 -1.86 -0.14
N ARG A 232 -23.49 -2.97 -0.13
CA ARG A 232 -22.52 -3.26 0.92
C ARG A 232 -21.09 -3.01 0.46
N TYR A 233 -20.89 -2.22 -0.58
CA TYR A 233 -19.54 -1.96 -1.08
C TYR A 233 -18.70 -1.21 -0.04
N GLN A 234 -19.28 -0.21 0.60
CA GLN A 234 -18.50 0.64 1.50
C GLN A 234 -18.03 -0.13 2.72
N ARG A 235 -18.95 -0.80 3.41
CA ARG A 235 -18.60 -1.48 4.65
C ARG A 235 -17.50 -2.52 4.43
N VAL A 236 -17.69 -3.33 3.39
CA VAL A 236 -16.64 -4.33 3.06
C VAL A 236 -15.33 -3.59 2.78
N ALA A 237 -15.40 -2.48 2.04
CA ALA A 237 -14.17 -1.71 1.83
C ALA A 237 -13.57 -1.26 3.16
N GLY A 238 -14.41 -0.81 4.09
CA GLY A 238 -13.90 -0.36 5.37
C GLY A 238 -13.36 -1.49 6.22
N TYR A 239 -14.06 -2.62 6.24
CA TYR A 239 -13.67 -3.72 7.11
C TYR A 239 -12.36 -4.35 6.64
N SER A 240 -12.37 -4.95 5.44
CA SER A 240 -11.24 -5.74 4.98
C SER A 240 -9.94 -4.95 5.03
N ARG A 241 -9.94 -3.76 4.42
CA ARG A 241 -8.77 -2.91 4.46
C ARG A 241 -8.28 -2.73 5.89
N ALA A 242 -9.18 -2.36 6.80
CA ALA A 242 -8.81 -2.22 8.20
C ALA A 242 -8.13 -3.48 8.70
N ALA A 243 -8.79 -4.64 8.49
CA ALA A 243 -8.20 -5.90 8.90
C ALA A 243 -6.80 -6.05 8.33
N VAL A 244 -6.65 -5.78 7.03
CA VAL A 244 -5.34 -5.91 6.39
C VAL A 244 -4.34 -5.03 7.11
N LEU A 245 -4.70 -3.76 7.34
CA LEU A 245 -3.79 -2.87 8.04
C LEU A 245 -3.51 -3.40 9.44
N LEU A 246 -4.56 -3.84 10.15
CA LEU A 246 -4.35 -4.45 11.45
C LEU A 246 -3.34 -5.58 11.34
N GLY A 247 -3.52 -6.45 10.34
CA GLY A 247 -2.57 -7.52 10.15
C GLY A 247 -1.15 -7.00 10.05
N VAL A 248 -0.93 -6.00 9.20
CA VAL A 248 0.40 -5.42 9.06
C VAL A 248 0.90 -4.97 10.43
N PHE A 249 0.06 -4.22 11.14
CA PHE A 249 0.39 -3.81 12.51
C PHE A 249 0.88 -5.00 13.31
N THR A 250 0.01 -6.01 13.43
CA THR A 250 0.37 -7.19 14.21
C THR A 250 1.70 -7.74 13.73
N SER A 251 1.81 -7.95 12.41
CA SER A 251 3.05 -8.45 11.84
C SER A 251 4.24 -7.69 12.37
N SER A 252 4.24 -6.37 12.12
CA SER A 252 5.37 -5.55 12.56
C SER A 252 5.61 -5.75 14.04
N VAL A 253 4.55 -5.57 14.84
CA VAL A 253 4.72 -5.67 16.28
C VAL A 253 5.30 -7.02 16.65
N LEU A 254 4.72 -8.09 16.09
CA LEU A 254 5.20 -9.42 16.42
C LEU A 254 6.69 -9.51 16.18
N GLY A 255 7.12 -9.11 14.97
CA GLY A 255 8.54 -9.21 14.66
C GLY A 255 9.37 -8.49 15.69
N GLN A 256 9.02 -7.22 15.97
CA GLN A 256 9.84 -6.46 16.91
C GLN A 256 9.84 -7.12 18.27
N LEU A 257 8.67 -7.58 18.73
CA LEU A 257 8.63 -8.24 20.03
C LEU A 257 9.54 -9.46 20.02
N LEU A 258 9.46 -10.26 18.95
CA LEU A 258 10.25 -11.48 18.91
C LEU A 258 11.74 -11.19 18.83
N VAL A 259 12.12 -9.96 18.51
CA VAL A 259 13.54 -9.60 18.51
C VAL A 259 13.90 -8.62 19.62
N THR A 260 12.95 -8.22 20.46
CA THR A 260 13.25 -7.30 21.56
C THR A 260 13.05 -7.95 22.92
N VAL A 261 11.86 -8.48 23.20
CA VAL A 261 11.67 -9.17 24.46
C VAL A 261 12.15 -10.61 24.36
N GLY A 262 11.89 -11.27 23.23
CA GLY A 262 12.45 -12.58 22.99
C GLY A 262 13.88 -12.50 22.51
N ARG A 263 14.52 -13.67 22.45
CA ARG A 263 15.91 -13.75 22.02
C ARG A 263 16.07 -14.61 20.78
N VAL A 264 14.99 -14.77 19.99
CA VAL A 264 15.07 -15.61 18.80
C VAL A 264 15.94 -14.91 17.75
N SER A 265 16.62 -15.72 16.95
CA SER A 265 17.45 -15.20 15.88
C SER A 265 16.58 -14.92 14.64
N PHE A 266 17.22 -14.38 13.59
CA PHE A 266 16.49 -14.11 12.37
C PHE A 266 16.01 -15.40 11.69
N SER A 267 16.74 -16.50 11.88
CA SER A 267 16.33 -17.76 11.28
C SER A 267 15.02 -18.25 11.87
N THR A 268 14.88 -18.18 13.20
CA THR A 268 13.63 -18.58 13.84
C THR A 268 12.49 -17.67 13.40
N LEU A 269 12.76 -16.37 13.30
CA LEU A 269 11.74 -15.43 12.86
C LEU A 269 11.29 -15.73 11.43
N ASN A 270 12.23 -16.08 10.55
CA ASN A 270 11.87 -16.43 9.19
C ASN A 270 11.12 -17.74 9.12
N TYR A 271 11.44 -18.71 9.98
CA TYR A 271 10.67 -19.94 10.02
C TYR A 271 9.24 -19.68 10.49
N ILE A 272 9.07 -18.81 11.47
CA ILE A 272 7.72 -18.42 11.92
C ILE A 272 6.97 -17.73 10.78
N SER A 273 7.66 -16.84 10.06
CA SER A 273 7.02 -16.16 8.94
C SER A 273 6.63 -17.14 7.85
N LEU A 274 7.46 -18.14 7.59
CA LEU A 274 7.13 -19.16 6.59
C LEU A 274 5.92 -19.98 7.03
N ALA A 275 5.86 -20.33 8.32
CA ALA A 275 4.69 -21.06 8.81
C ALA A 275 3.41 -20.23 8.68
N PHE A 276 3.49 -18.94 9.01
CA PHE A 276 2.32 -18.07 8.88
C PHE A 276 1.92 -17.91 7.41
N LEU A 277 2.91 -17.84 6.52
CA LEU A 277 2.61 -17.75 5.09
C LEU A 277 1.97 -19.02 4.57
N THR A 278 2.43 -20.18 5.05
CA THR A 278 1.79 -21.44 4.67
C THR A 278 0.34 -21.48 5.16
N PHE A 279 0.10 -21.01 6.38
CA PHE A 279 -1.27 -20.95 6.87
C PHE A 279 -2.12 -20.00 6.05
N SER A 280 -1.55 -18.86 5.65
CA SER A 280 -2.29 -17.92 4.80
C SER A 280 -2.61 -18.53 3.44
N VAL A 281 -1.68 -19.30 2.88
CA VAL A 281 -1.93 -19.98 1.61
C VAL A 281 -3.06 -21.00 1.77
N VAL A 282 -3.04 -21.76 2.87
CA VAL A 282 -4.12 -22.71 3.12
C VAL A 282 -5.44 -21.98 3.25
N LEU A 283 -5.44 -20.81 3.90
CA LEU A 283 -6.66 -20.02 4.00
C LEU A 283 -7.14 -19.56 2.63
N ALA A 284 -6.22 -19.12 1.77
CA ALA A 284 -6.60 -18.66 0.44
C ALA A 284 -7.08 -19.80 -0.43
N LEU A 285 -6.66 -21.03 -0.14
CA LEU A 285 -7.08 -22.18 -0.93
C LEU A 285 -8.59 -22.38 -0.88
N PHE A 286 -9.23 -21.95 0.20
CA PHE A 286 -10.65 -22.17 0.40
C PHE A 286 -11.49 -20.91 0.14
N LEU A 287 -10.97 -19.99 -0.66
CA LEU A 287 -11.72 -18.79 -1.01
C LEU A 287 -12.65 -19.06 -2.19
N LYS A 288 -13.88 -18.56 -2.10
CA LYS A 288 -14.85 -18.76 -3.16
C LYS A 288 -14.43 -18.02 -4.42
N ARG A 289 -14.45 -18.73 -5.56
CA ARG A 289 -14.09 -18.13 -6.83
C ARG A 289 -15.34 -17.59 -7.50
N PRO A 290 -15.41 -16.29 -7.81
CA PRO A 290 -16.62 -15.73 -8.43
C PRO A 290 -16.88 -16.35 -9.79
N LYS A 291 -18.16 -16.44 -10.16
CA LYS A 291 -18.53 -17.03 -11.47
C LYS A 291 -18.88 -15.90 -12.46
N SER A 333 -11.04 -7.61 -30.09
CA SER A 333 -10.41 -8.50 -29.13
C SER A 333 -10.96 -8.27 -27.72
N VAL A 334 -10.65 -9.19 -26.81
CA VAL A 334 -11.07 -9.02 -25.41
C VAL A 334 -10.39 -7.82 -24.80
N LEU A 335 -9.10 -7.62 -25.09
CA LEU A 335 -8.39 -6.45 -24.59
C LEU A 335 -8.99 -5.16 -25.14
N ALA A 336 -9.40 -5.16 -26.41
CA ALA A 336 -10.05 -3.97 -26.96
C ALA A 336 -11.36 -3.68 -26.24
N ARG A 337 -12.14 -4.73 -25.96
CA ARG A 337 -13.40 -4.55 -25.21
C ARG A 337 -13.08 -3.93 -23.84
N MET A 338 -12.08 -4.50 -23.14
CA MET A 338 -11.75 -4.01 -21.81
C MET A 338 -11.30 -2.56 -21.85
N LEU A 339 -10.51 -2.18 -22.86
CA LEU A 339 -10.06 -0.80 -22.96
C LEU A 339 -11.22 0.14 -23.27
N ARG A 340 -12.13 -0.26 -24.16
CA ARG A 340 -13.29 0.57 -24.45
C ARG A 340 -14.17 0.75 -23.22
N GLU A 341 -14.40 -0.33 -22.47
CA GLU A 341 -15.19 -0.23 -21.26
C GLU A 341 -14.49 0.62 -20.20
N LEU A 342 -13.17 0.51 -20.13
CA LEU A 342 -12.40 1.34 -19.21
C LEU A 342 -12.54 2.81 -19.54
N GLY A 343 -12.47 3.16 -20.83
CA GLY A 343 -12.66 4.54 -21.22
C GLY A 343 -14.07 5.03 -20.93
N ASP A 344 -15.07 4.21 -21.22
CA ASP A 344 -16.45 4.60 -20.96
C ASP A 344 -16.67 4.81 -19.45
N SER A 345 -16.10 3.95 -18.62
CA SER A 345 -16.21 4.12 -17.18
C SER A 345 -15.48 5.37 -16.72
N LEU A 346 -14.31 5.66 -17.31
CA LEU A 346 -13.60 6.89 -16.98
C LEU A 346 -14.33 8.13 -17.45
N ARG A 347 -15.28 8.00 -18.38
CA ARG A 347 -16.10 9.17 -18.69
C ARG A 347 -16.95 9.61 -17.51
N ARG A 348 -17.22 8.71 -16.55
CA ARG A 348 -17.95 9.07 -15.35
C ARG A 348 -17.11 10.01 -14.49
N PRO A 349 -17.75 10.95 -13.78
CA PRO A 349 -16.98 11.93 -13.01
C PRO A 349 -16.36 11.38 -11.73
N GLN A 350 -17.10 10.54 -11.00
CA GLN A 350 -16.59 10.01 -9.74
C GLN A 350 -15.37 9.14 -9.96
N LEU A 351 -15.38 8.31 -11.01
CA LEU A 351 -14.22 7.49 -11.31
C LEU A 351 -13.02 8.35 -11.67
N ARG A 352 -13.23 9.40 -12.47
CA ARG A 352 -12.14 10.33 -12.76
C ARG A 352 -11.55 10.91 -11.49
N LEU A 353 -12.42 11.44 -10.62
CA LEU A 353 -11.94 12.12 -9.42
C LEU A 353 -11.15 11.17 -8.54
N TRP A 354 -11.69 9.98 -8.28
CA TRP A 354 -11.03 9.08 -7.34
C TRP A 354 -9.82 8.39 -7.96
N SER A 355 -9.81 8.15 -9.27
CA SER A 355 -8.60 7.63 -9.91
C SER A 355 -7.49 8.66 -9.91
N LEU A 356 -7.83 9.94 -10.14
CA LEU A 356 -6.82 10.99 -10.04
C LEU A 356 -6.29 11.09 -8.62
N TRP A 357 -7.18 11.00 -7.63
CA TRP A 357 -6.72 11.00 -6.24
C TRP A 357 -5.78 9.84 -5.99
N TRP A 358 -6.15 8.65 -6.45
CA TRP A 358 -5.28 7.48 -6.26
C TRP A 358 -3.91 7.73 -6.87
N VAL A 359 -3.88 8.09 -8.16
CA VAL A 359 -2.62 8.20 -8.88
C VAL A 359 -1.73 9.26 -8.25
N PHE A 360 -2.29 10.42 -7.91
CA PHE A 360 -1.47 11.54 -7.47
C PHE A 360 -1.36 11.67 -5.96
N ASN A 361 -1.99 10.79 -5.18
CA ASN A 361 -1.85 10.81 -3.74
C ASN A 361 -1.20 9.56 -3.17
N SER A 362 -1.45 8.39 -3.75
CA SER A 362 -0.72 7.20 -3.33
C SER A 362 0.77 7.38 -3.56
N ALA A 363 1.14 8.03 -4.67
CA ALA A 363 2.55 8.29 -4.94
C ALA A 363 3.17 9.16 -3.85
N GLY A 364 2.49 10.24 -3.48
CA GLY A 364 3.01 11.10 -2.42
C GLY A 364 3.06 10.41 -1.08
N TYR A 365 2.04 9.62 -0.76
CA TYR A 365 2.02 8.88 0.50
C TYR A 365 3.16 7.87 0.55
N TYR A 366 3.39 7.14 -0.53
CA TYR A 366 4.49 6.18 -0.55
C TYR A 366 5.84 6.88 -0.48
N LEU A 367 5.97 8.02 -1.15
CA LEU A 367 7.21 8.79 -1.03
C LEU A 367 7.48 9.18 0.42
N VAL A 368 6.46 9.74 1.08
CA VAL A 368 6.63 10.19 2.46
C VAL A 368 6.94 9.01 3.37
N VAL A 369 6.20 7.92 3.22
CA VAL A 369 6.40 6.76 4.07
C VAL A 369 7.80 6.17 3.89
N TYR A 370 8.24 6.04 2.65
CA TYR A 370 9.54 5.45 2.37
C TYR A 370 10.67 6.35 2.85
N TYR A 371 10.54 7.66 2.67
CA TYR A 371 11.64 8.56 3.00
C TYR A 371 11.65 9.01 4.45
N VAL A 372 10.56 8.80 5.20
CA VAL A 372 10.55 9.25 6.59
C VAL A 372 11.51 8.42 7.44
N HIS A 373 11.77 7.18 7.05
CA HIS A 373 12.69 6.32 7.83
C HIS A 373 14.09 6.95 7.80
N ILE A 374 14.57 7.25 6.59
CA ILE A 374 15.93 7.88 6.46
C ILE A 374 15.87 9.30 7.01
N LEU A 375 14.72 9.97 6.93
CA LEU A 375 14.64 11.31 7.52
C LEU A 375 14.90 11.25 9.02
N TRP A 376 14.31 10.26 9.70
CA TRP A 376 14.53 10.12 11.14
C TRP A 376 15.92 9.56 11.44
N ASN A 377 16.44 8.70 10.56
CA ASN A 377 17.79 8.16 10.78
C ASN A 377 18.86 9.24 10.59
N GLU A 378 18.62 10.17 9.66
CA GLU A 378 19.61 11.21 9.39
C GLU A 378 19.83 12.10 10.61
N VAL A 379 18.76 12.45 11.31
CA VAL A 379 18.85 13.28 12.51
C VAL A 379 19.60 12.54 13.62
N ARG A 387 15.72 4.27 17.40
CA ARG A 387 15.43 2.97 16.75
C ARG A 387 14.09 2.42 17.25
N VAL A 388 13.97 2.19 18.56
CA VAL A 388 12.72 1.70 19.13
C VAL A 388 11.59 2.69 18.82
N TYR A 389 11.88 3.99 18.89
CA TYR A 389 10.88 5.00 18.59
C TYR A 389 10.42 4.92 17.13
N ASN A 390 11.32 4.54 16.22
CA ASN A 390 10.92 4.35 14.83
C ASN A 390 9.87 3.27 14.69
N PHE A 391 10.10 2.12 15.34
CA PHE A 391 9.11 1.04 15.31
C PHE A 391 7.82 1.47 15.99
N ALA A 392 7.93 2.21 17.09
CA ALA A 392 6.73 2.68 17.79
C ALA A 392 5.89 3.58 16.89
N ALA A 393 6.55 4.51 16.19
CA ALA A 393 5.83 5.38 15.27
C ALA A 393 5.20 4.59 14.12
N ASP A 394 5.95 3.63 13.57
CA ASP A 394 5.41 2.82 12.48
C ASP A 394 4.18 2.03 12.92
N ALA A 395 4.26 1.39 14.09
CA ALA A 395 3.15 0.60 14.58
C ALA A 395 1.95 1.47 14.93
N ALA A 396 2.19 2.63 15.54
CA ALA A 396 1.08 3.54 15.85
C ALA A 396 0.41 4.03 14.58
N SER A 397 1.20 4.36 13.55
CA SER A 397 0.62 4.81 12.30
C SER A 397 -0.18 3.70 11.64
N THR A 398 0.31 2.47 11.67
CA THR A 398 -0.43 1.36 11.08
C THR A 398 -1.73 1.11 11.83
N LEU A 399 -1.70 1.15 13.16
CA LEU A 399 -2.91 0.94 13.94
C LEU A 399 -3.92 2.05 13.70
N LEU A 400 -3.47 3.31 13.64
CA LEU A 400 -4.38 4.39 13.33
C LEU A 400 -4.92 4.27 11.92
N GLY A 401 -4.11 3.78 10.98
CA GLY A 401 -4.62 3.55 9.63
C GLY A 401 -5.73 2.52 9.60
N ALA A 402 -5.55 1.43 10.36
CA ALA A 402 -6.61 0.43 10.45
C ALA A 402 -7.87 1.01 11.08
N ILE A 403 -7.71 1.80 12.15
CA ILE A 403 -8.86 2.41 12.81
C ILE A 403 -9.57 3.36 11.87
N THR A 404 -8.82 4.16 11.11
CA THR A 404 -9.43 5.13 10.21
C THR A 404 -10.10 4.44 9.02
N SER A 405 -9.55 3.33 8.53
CA SER A 405 -10.23 2.57 7.50
C SER A 405 -11.54 2.00 8.03
N PHE A 406 -11.52 1.46 9.25
CA PHE A 406 -12.75 0.98 9.87
C PHE A 406 -13.78 2.10 9.96
N ALA A 407 -13.34 3.29 10.39
CA ALA A 407 -14.25 4.42 10.48
C ALA A 407 -14.78 4.82 9.11
N ALA A 408 -13.92 4.78 8.09
CA ALA A 408 -14.35 5.09 6.72
C ALA A 408 -15.41 4.11 6.25
N GLY A 409 -15.39 2.88 6.77
CA GLY A 409 -16.45 1.95 6.44
C GLY A 409 -17.83 2.40 6.92
N PHE A 410 -17.86 3.24 7.95
CA PHE A 410 -19.11 3.62 8.60
C PHE A 410 -19.60 5.00 8.24
N VAL A 411 -18.82 5.79 7.49
CA VAL A 411 -19.21 7.16 7.20
C VAL A 411 -20.37 7.18 6.21
N LYS A 412 -21.16 8.25 6.25
CA LYS A 412 -22.37 8.39 5.45
C LYS A 412 -22.40 9.74 4.75
N ILE A 413 -21.28 10.12 4.13
CA ILE A 413 -21.18 11.40 3.44
C ILE A 413 -21.82 11.29 2.07
N ARG A 414 -22.58 12.31 1.70
CA ARG A 414 -23.14 12.39 0.35
C ARG A 414 -22.01 12.61 -0.65
N TRP A 415 -21.66 11.57 -1.40
CA TRP A 415 -20.48 11.60 -2.25
C TRP A 415 -20.69 12.31 -3.57
N ALA A 416 -21.93 12.63 -3.94
CA ALA A 416 -22.17 13.29 -5.21
C ALA A 416 -21.68 14.73 -5.20
N ARG A 417 -21.69 15.36 -4.02
CA ARG A 417 -21.32 16.77 -3.90
C ARG A 417 -20.14 17.01 -2.96
N TRP A 418 -20.01 16.23 -1.89
CA TRP A 418 -18.98 16.44 -0.87
C TRP A 418 -17.84 15.46 -0.99
N SER A 419 -17.45 15.10 -2.22
CA SER A 419 -16.32 14.21 -2.44
C SER A 419 -15.05 15.00 -2.78
N LYS A 420 -15.13 15.96 -3.69
CA LYS A 420 -13.98 16.79 -4.00
C LYS A 420 -13.54 17.62 -2.80
N LEU A 421 -14.53 18.15 -2.08
CA LEU A 421 -14.23 18.95 -0.85
C LEU A 421 -13.45 18.06 0.12
N LEU A 422 -13.97 16.87 0.40
CA LEU A 422 -13.33 15.98 1.37
C LEU A 422 -11.88 15.69 0.97
N ILE A 423 -11.66 15.40 -0.31
CA ILE A 423 -10.30 15.15 -0.79
C ILE A 423 -9.43 16.37 -0.60
N ALA A 424 -9.95 17.55 -0.93
CA ALA A 424 -9.17 18.77 -0.78
C ALA A 424 -8.78 19.00 0.69
N GLY A 425 -9.74 18.83 1.59
CA GLY A 425 -9.45 19.03 3.00
C GLY A 425 -8.44 18.04 3.54
N VAL A 426 -8.60 16.76 3.21
CA VAL A 426 -7.68 15.74 3.72
C VAL A 426 -6.30 15.93 3.12
N THR A 427 -6.22 16.31 1.83
CA THR A 427 -4.92 16.53 1.21
C THR A 427 -4.22 17.75 1.81
N ALA A 428 -4.97 18.81 2.12
CA ALA A 428 -4.38 19.95 2.80
C ALA A 428 -3.87 19.55 4.18
N THR A 429 -4.64 18.73 4.90
CA THR A 429 -4.17 18.25 6.20
C THR A 429 -2.91 17.42 6.06
N GLN A 430 -2.83 16.57 5.03
CA GLN A 430 -1.64 15.77 4.80
C GLN A 430 -0.45 16.64 4.43
N ALA A 431 -0.67 17.71 3.66
CA ALA A 431 0.40 18.65 3.37
C ALA A 431 0.92 19.30 4.65
N GLY A 432 0.01 19.72 5.52
CA GLY A 432 0.42 20.29 6.79
C GLY A 432 1.20 19.31 7.64
N LEU A 433 0.76 18.05 7.66
CA LEU A 433 1.46 17.03 8.46
C LEU A 433 2.84 16.73 7.88
N VAL A 434 2.97 16.73 6.55
CA VAL A 434 4.29 16.52 5.95
C VAL A 434 5.20 17.70 6.25
N PHE A 435 4.67 18.92 6.23
CA PHE A 435 5.48 20.07 6.61
C PHE A 435 5.90 19.98 8.07
N LEU A 436 5.02 19.46 8.93
CA LEU A 436 5.41 19.23 10.32
C LEU A 436 6.53 18.21 10.41
N LEU A 437 6.46 17.15 9.61
CA LEU A 437 7.54 16.16 9.57
C LEU A 437 8.84 16.79 9.11
N ALA A 438 8.77 17.76 8.20
CA ALA A 438 9.98 18.31 7.61
C ALA A 438 10.62 19.39 8.49
N HIS A 439 9.87 20.46 8.79
CA HIS A 439 10.44 21.64 9.42
C HIS A 439 10.67 21.50 10.91
N THR A 440 10.19 20.41 11.53
CA THR A 440 10.38 20.22 12.97
C THR A 440 11.78 19.67 13.22
N ARG A 441 12.75 20.59 13.20
CA ARG A 441 14.15 20.25 13.41
C ARG A 441 14.58 20.32 14.87
N HIS A 442 13.67 20.69 15.78
CA HIS A 442 14.02 20.76 17.19
C HIS A 442 14.28 19.35 17.72
N PRO A 443 15.45 19.07 18.30
CA PRO A 443 15.71 17.71 18.79
C PRO A 443 14.76 17.24 19.86
N SER A 444 14.32 18.13 20.75
CA SER A 444 13.37 17.78 21.79
C SER A 444 11.93 18.03 21.35
N SER A 445 11.60 17.57 20.15
CA SER A 445 10.25 17.71 19.64
C SER A 445 9.77 16.50 18.86
N ILE A 446 10.45 15.35 18.96
CA ILE A 446 10.17 14.22 18.08
C ILE A 446 8.78 13.66 18.29
N TRP A 447 8.16 13.93 19.44
CA TRP A 447 6.78 13.49 19.64
C TRP A 447 5.85 14.15 18.63
N LEU A 448 6.10 15.42 18.32
CA LEU A 448 5.31 16.12 17.32
C LEU A 448 5.50 15.51 15.93
N CYS A 449 6.73 15.17 15.57
CA CYS A 449 6.98 14.52 14.28
C CYS A 449 6.28 13.17 14.20
N TYR A 450 6.37 12.37 15.26
CA TYR A 450 5.71 11.07 15.26
C TYR A 450 4.19 11.23 15.16
N ALA A 451 3.62 12.20 15.89
CA ALA A 451 2.20 12.44 15.79
C ALA A 451 1.81 12.88 14.39
N ALA A 452 2.62 13.73 13.76
CA ALA A 452 2.33 14.18 12.41
C ALA A 452 2.33 13.00 11.43
N PHE A 453 3.33 12.12 11.54
CA PHE A 453 3.37 10.96 10.65
C PHE A 453 2.20 10.03 10.90
N VAL A 454 1.84 9.82 12.16
CA VAL A 454 0.74 8.93 12.48
C VAL A 454 -0.57 9.48 11.92
N LEU A 455 -0.80 10.79 12.08
CA LEU A 455 -2.02 11.39 11.53
C LEU A 455 -2.01 11.38 10.00
N PHE A 456 -0.85 11.57 9.38
CA PHE A 456 -0.77 11.52 7.92
C PHE A 456 -1.16 10.14 7.40
N ARG A 457 -0.58 9.09 7.97
CA ARG A 457 -0.93 7.74 7.55
C ARG A 457 -2.39 7.43 7.87
N GLY A 458 -2.89 7.93 9.00
CA GLY A 458 -4.29 7.73 9.31
C GLY A 458 -5.22 8.37 8.30
N SER A 459 -4.90 9.59 7.87
CA SER A 459 -5.72 10.25 6.85
C SER A 459 -5.68 9.49 5.53
N TYR A 460 -4.49 9.05 5.11
CA TYR A 460 -4.40 8.32 3.85
C TYR A 460 -5.19 7.01 3.89
N GLN A 461 -5.01 6.24 4.97
CA GLN A 461 -5.73 4.98 5.09
C GLN A 461 -7.21 5.19 5.40
N PHE A 462 -7.61 6.39 5.81
CA PHE A 462 -9.03 6.72 5.87
C PHE A 462 -9.60 6.95 4.49
N LEU A 463 -8.86 7.65 3.64
CA LEU A 463 -9.37 7.98 2.31
C LEU A 463 -9.32 6.80 1.35
N VAL A 464 -8.42 5.85 1.56
CA VAL A 464 -8.28 4.74 0.60
C VAL A 464 -9.54 3.90 0.46
N PRO A 465 -10.18 3.41 1.54
CA PRO A 465 -11.40 2.61 1.34
C PRO A 465 -12.50 3.37 0.62
N ILE A 466 -12.65 4.66 0.91
CA ILE A 466 -13.62 5.47 0.20
C ILE A 466 -13.29 5.53 -1.28
N ALA A 467 -12.01 5.69 -1.61
CA ALA A 467 -11.60 5.73 -3.01
C ALA A 467 -11.95 4.43 -3.72
N THR A 468 -11.61 3.29 -3.10
CA THR A 468 -11.90 2.01 -3.74
C THR A 468 -13.41 1.79 -3.90
N PHE A 469 -14.18 2.11 -2.86
CA PHE A 469 -15.62 1.91 -2.92
C PHE A 469 -16.27 2.78 -3.99
N GLN A 470 -15.86 4.06 -4.07
CA GLN A 470 -16.44 4.94 -5.07
C GLN A 470 -15.97 4.61 -6.47
N ILE A 471 -14.76 4.06 -6.61
CA ILE A 471 -14.30 3.61 -7.92
C ILE A 471 -15.13 2.40 -8.38
N ALA A 472 -15.34 1.44 -7.49
CA ALA A 472 -16.07 0.24 -7.88
C ALA A 472 -17.54 0.53 -8.13
N SER A 473 -18.16 1.37 -7.29
CA SER A 473 -19.58 1.64 -7.45
C SER A 473 -19.89 2.35 -8.76
N SER A 474 -18.89 2.94 -9.41
CA SER A 474 -19.05 3.59 -10.70
C SER A 474 -18.33 2.82 -11.80
N LEU A 475 -18.41 1.50 -11.77
CA LEU A 475 -17.63 0.66 -12.67
C LEU A 475 -18.53 -0.45 -13.21
N SER A 476 -17.90 -1.41 -13.89
CA SER A 476 -18.57 -2.59 -14.42
C SER A 476 -18.22 -3.80 -13.56
N LYS A 477 -18.70 -4.97 -13.99
CA LYS A 477 -18.47 -6.19 -13.21
C LYS A 477 -17.02 -6.63 -13.31
N GLU A 478 -16.56 -6.97 -14.52
CA GLU A 478 -15.19 -7.42 -14.74
C GLU A 478 -14.31 -6.25 -15.18
N LEU A 479 -14.26 -5.21 -14.32
CA LEU A 479 -13.35 -4.09 -14.53
C LEU A 479 -12.59 -3.66 -13.29
N CYS A 480 -13.11 -3.89 -12.08
CA CYS A 480 -12.60 -3.19 -10.90
C CYS A 480 -11.11 -3.40 -10.72
N ALA A 481 -10.68 -4.66 -10.70
CA ALA A 481 -9.26 -4.96 -10.53
C ALA A 481 -8.42 -4.18 -11.52
N LEU A 482 -8.81 -4.25 -12.80
CA LEU A 482 -8.07 -3.55 -13.84
C LEU A 482 -7.86 -2.10 -13.46
N VAL A 483 -8.94 -1.41 -13.11
CA VAL A 483 -8.84 0.01 -12.77
C VAL A 483 -7.83 0.19 -11.64
N PHE A 484 -8.01 -0.58 -10.56
CA PHE A 484 -7.09 -0.48 -9.44
C PHE A 484 -5.66 -0.61 -9.92
N GLY A 485 -5.39 -1.67 -10.70
CA GLY A 485 -4.04 -1.88 -11.17
C GLY A 485 -3.52 -0.67 -11.91
N VAL A 486 -4.31 -0.16 -12.86
CA VAL A 486 -3.86 0.99 -13.64
C VAL A 486 -3.51 2.13 -12.70
N ASN A 487 -4.41 2.44 -11.77
CA ASN A 487 -4.13 3.51 -10.83
C ASN A 487 -2.82 3.23 -10.10
N THR A 488 -2.70 2.04 -9.52
CA THR A 488 -1.46 1.68 -8.83
C THR A 488 -0.29 1.85 -9.77
N PHE A 489 -0.41 1.30 -10.99
CA PHE A 489 0.66 1.42 -11.96
C PHE A 489 1.03 2.87 -12.14
N PHE A 490 0.03 3.71 -12.45
CA PHE A 490 0.33 5.13 -12.67
C PHE A 490 0.92 5.74 -11.42
N ALA A 491 0.37 5.40 -10.26
CA ALA A 491 0.90 5.93 -9.01
C ALA A 491 2.39 5.64 -8.93
N THR A 492 2.77 4.39 -9.17
CA THR A 492 4.18 4.03 -9.12
C THR A 492 4.98 4.94 -10.04
N ILE A 493 4.53 5.06 -11.29
CA ILE A 493 5.25 5.90 -12.24
C ILE A 493 5.40 7.30 -11.69
N VAL A 494 4.31 7.88 -11.17
CA VAL A 494 4.37 9.23 -10.65
C VAL A 494 5.43 9.31 -9.56
N LYS A 495 5.40 8.36 -8.62
CA LYS A 495 6.39 8.36 -7.56
C LYS A 495 7.79 8.35 -8.15
N THR A 496 8.03 7.45 -9.11
CA THR A 496 9.35 7.38 -9.74
C THR A 496 9.73 8.73 -10.31
N ILE A 497 8.80 9.37 -11.04
CA ILE A 497 9.10 10.66 -11.63
C ILE A 497 9.55 11.64 -10.55
N ILE A 498 8.80 11.70 -9.45
CA ILE A 498 9.17 12.62 -8.37
C ILE A 498 10.53 12.22 -7.80
N THR A 499 10.74 10.93 -7.57
CA THR A 499 12.01 10.54 -6.98
C THR A 499 13.16 10.68 -7.96
N PHE A 500 12.87 10.96 -9.23
CA PHE A 500 13.92 11.35 -10.16
C PHE A 500 14.23 12.83 -10.08
N ILE A 501 13.21 13.67 -9.89
CA ILE A 501 13.42 15.11 -9.93
C ILE A 501 13.79 15.71 -8.58
N VAL A 502 13.73 14.93 -7.50
CA VAL A 502 13.98 15.54 -6.15
C VAL A 502 15.18 14.89 -5.45
N SER A 503 15.48 13.63 -5.72
CA SER A 503 16.54 12.97 -4.96
C SER A 503 17.71 12.53 -5.84
N ASP A 504 17.47 11.69 -6.85
CA ASP A 504 18.53 10.95 -7.52
C ASP A 504 18.79 11.50 -8.91
N VAL A 505 19.80 10.91 -9.57
CA VAL A 505 20.22 11.26 -10.92
C VAL A 505 20.41 12.76 -11.04
N ARG A 506 21.24 13.33 -10.16
CA ARG A 506 21.41 14.78 -10.08
C ARG A 506 20.07 15.48 -9.97
N GLY A 507 19.58 15.99 -11.10
CA GLY A 507 18.30 16.67 -11.10
C GLY A 507 18.31 17.85 -10.15
N LEU A 508 17.20 18.03 -9.44
CA LEU A 508 17.13 19.04 -8.38
C LEU A 508 17.48 18.38 -7.05
N GLY A 509 18.71 17.90 -6.98
CA GLY A 509 19.19 17.15 -5.83
C GLY A 509 19.16 17.93 -4.52
N LEU A 510 18.53 17.36 -3.51
CA LEU A 510 18.34 18.03 -2.23
C LEU A 510 18.47 17.02 -1.11
N PRO A 511 18.80 17.49 0.11
CA PRO A 511 18.78 16.59 1.28
C PRO A 511 17.36 16.15 1.63
N VAL A 512 17.24 15.34 2.68
CA VAL A 512 15.95 14.75 3.02
C VAL A 512 14.97 15.82 3.50
N ARG A 513 15.46 16.82 4.24
CA ARG A 513 14.58 17.87 4.73
C ARG A 513 13.96 18.65 3.57
N LYS A 514 14.78 18.98 2.58
CA LYS A 514 14.27 19.72 1.39
C LYS A 514 13.34 18.80 0.60
N GLN A 515 13.64 17.50 0.54
CA GLN A 515 12.75 16.57 -0.14
C GLN A 515 11.38 16.55 0.51
N PHE A 516 11.33 16.53 1.84
CA PHE A 516 10.04 16.55 2.52
C PHE A 516 9.35 17.88 2.37
N GLN A 517 10.10 18.98 2.31
CA GLN A 517 9.48 20.27 2.01
C GLN A 517 8.83 20.26 0.64
N LEU A 518 9.51 19.69 -0.37
CA LEU A 518 8.91 19.61 -1.70
C LEU A 518 7.70 18.68 -1.71
N TYR A 519 7.74 17.60 -0.93
CA TYR A 519 6.56 16.73 -0.84
C TYR A 519 5.39 17.47 -0.22
N SER A 520 5.65 18.27 0.82
CA SER A 520 4.60 19.09 1.41
C SER A 520 4.04 20.08 0.41
N VAL A 521 4.90 20.72 -0.38
CA VAL A 521 4.43 21.66 -1.39
C VAL A 521 3.63 20.94 -2.47
N TYR A 522 4.03 19.73 -2.81
CA TYR A 522 3.29 18.92 -3.80
C TYR A 522 1.89 18.60 -3.29
N PHE A 523 1.79 18.18 -2.02
CA PHE A 523 0.48 17.91 -1.45
C PHE A 523 -0.36 19.19 -1.35
N LEU A 524 0.27 20.32 -1.03
CA LEU A 524 -0.45 21.59 -1.00
C LEU A 524 -0.97 21.97 -2.37
N ILE A 525 -0.17 21.74 -3.42
CA ILE A 525 -0.60 22.02 -4.78
C ILE A 525 -1.79 21.15 -5.14
N LEU A 526 -1.74 19.87 -4.76
CA LEU A 526 -2.90 18.97 -5.02
C LEU A 526 -4.12 19.51 -4.29
N SER A 527 -3.96 19.89 -3.02
CA SER A 527 -5.09 20.38 -2.24
C SER A 527 -5.69 21.63 -2.88
N ILE A 528 -4.84 22.53 -3.37
CA ILE A 528 -5.34 23.73 -4.04
C ILE A 528 -6.07 23.36 -5.33
N ILE A 529 -5.53 22.39 -6.08
CA ILE A 529 -6.19 21.95 -7.31
C ILE A 529 -7.56 21.38 -7.01
N TYR A 530 -7.65 20.57 -5.94
CA TYR A 530 -8.94 19.97 -5.59
C TYR A 530 -9.92 21.00 -5.05
N PHE A 531 -9.41 22.02 -4.35
CA PHE A 531 -10.28 23.12 -3.92
C PHE A 531 -10.82 23.89 -5.11
N LEU A 532 -9.98 24.13 -6.13
CA LEU A 532 -10.45 24.75 -7.35
C LEU A 532 -11.50 23.89 -8.04
N GLY A 533 -11.30 22.56 -8.04
CA GLY A 533 -12.29 21.68 -8.62
C GLY A 533 -13.61 21.73 -7.88
N ALA A 534 -13.56 21.77 -6.54
CA ALA A 534 -14.78 21.87 -5.75
C ALA A 534 -15.49 23.20 -6.00
N MET A 535 -14.72 24.28 -6.13
CA MET A 535 -15.31 25.58 -6.44
C MET A 535 -15.97 25.57 -7.81
N LEU A 536 -15.32 24.94 -8.79
CA LEU A 536 -15.93 24.82 -10.11
C LEU A 536 -17.22 24.00 -10.07
N ASP A 537 -17.21 22.90 -9.32
CA ASP A 537 -18.42 22.10 -9.20
C ASP A 537 -19.55 22.87 -8.53
N GLY A 538 -19.23 23.65 -7.49
CA GLY A 538 -20.24 24.46 -6.84
C GLY A 538 -20.77 25.57 -7.72
N LEU A 539 -19.90 26.21 -8.49
CA LEU A 539 -20.31 27.31 -9.34
C LEU A 539 -21.21 26.85 -10.48
N ARG A 540 -21.00 25.63 -10.98
CA ARG A 540 -21.77 25.09 -12.09
C ARG A 540 -23.04 24.39 -11.63
N HIS A 541 -23.38 24.56 -10.36
CA HIS A 541 -24.60 23.92 -9.79
C HIS A 541 -25.66 24.99 -9.54
#